data_4OK0
#
_entry.id   4OK0
#
_cell.length_a   82.533
_cell.length_b   82.533
_cell.length_c   155.276
_cell.angle_alpha   90.00
_cell.angle_beta   90.00
_cell.angle_gamma   120.00
#
_symmetry.space_group_name_H-M   'P 61'
#
loop_
_entity.id
_entity.type
_entity.pdbx_description
1 polymer Putative
2 water water
#
_entity_poly.entity_id   1
_entity_poly.type   'polypeptide(L)'
_entity_poly.pdbx_seq_one_letter_code
;MGSSHHHHHHSSGLVPRGSHMDSKKPHYRVSLSEQALNHEKLMRAIVKNLADTPMVLKGETALYLGYGLNRFSEDLDFDC
HKKINLLGRVKSAIPNGIILNDIHIKKDTDSVGRYMVRYATKDNKEEQTLKLEISYRDAPKESEVNVIEGMRIAKIERII
DNKLCACFDGEHTRTKARDLFDLHFLAKHYEEHFNLDLASRLKDFSKDPDKLVSDYLVDVKLDALLNQIMDLEETALELG
VMAQLIHKKLEKLEHHHHHH
;
_entity_poly.pdbx_strand_id   A,B
#
# COMPACT_ATOMS: atom_id res chain seq x y z
N LEU A 32 9.80 -13.18 12.32
CA LEU A 32 9.82 -14.66 12.39
C LEU A 32 10.56 -15.16 13.63
N SER A 33 9.79 -15.54 14.63
CA SER A 33 10.30 -16.12 15.87
C SER A 33 10.95 -17.49 15.64
N GLU A 34 11.57 -18.04 16.69
CA GLU A 34 12.16 -19.37 16.61
C GLU A 34 11.07 -20.42 16.47
N GLN A 35 9.98 -20.25 17.16
CA GLN A 35 8.89 -21.20 17.07
C GLN A 35 8.41 -21.27 15.64
N ALA A 36 8.23 -20.12 15.02
CA ALA A 36 7.76 -20.04 13.66
C ALA A 36 8.70 -20.57 12.61
N LEU A 37 9.96 -20.27 12.76
CA LEU A 37 11.00 -20.68 11.86
C LEU A 37 11.09 -22.19 11.85
N ASN A 38 11.05 -22.80 13.02
CA ASN A 38 11.04 -24.25 13.10
C ASN A 38 9.80 -24.88 12.51
N HIS A 39 8.68 -24.25 12.75
CA HIS A 39 7.40 -24.67 12.17
C HIS A 39 7.49 -24.66 10.68
N GLU A 40 8.02 -23.57 10.13
CA GLU A 40 8.25 -23.47 8.70
C GLU A 40 9.21 -24.57 8.20
N LYS A 41 10.28 -24.79 8.94
CA LYS A 41 11.22 -25.86 8.62
C LYS A 41 10.48 -27.19 8.47
N LEU A 42 9.58 -27.48 9.40
CA LEU A 42 8.81 -28.71 9.34
C LEU A 42 7.84 -28.75 8.11
N MET A 43 7.07 -27.70 7.92
CA MET A 43 6.17 -27.60 6.75
C MET A 43 6.87 -27.83 5.41
N ARG A 44 7.94 -27.06 5.16
CA ARG A 44 8.71 -27.19 3.92
C ARG A 44 9.26 -28.59 3.68
N ALA A 45 9.76 -29.24 4.74
CA ALA A 45 10.26 -30.61 4.64
C ALA A 45 9.16 -31.57 4.21
N ILE A 46 8.00 -31.44 4.84
CA ILE A 46 6.87 -32.30 4.45
C ILE A 46 6.48 -32.04 2.97
N VAL A 47 6.27 -30.78 2.58
CA VAL A 47 5.84 -30.51 1.20
C VAL A 47 6.89 -30.93 0.15
N LYS A 48 8.17 -30.67 0.42
CA LYS A 48 9.26 -31.16 -0.44
C LYS A 48 9.28 -32.68 -0.59
N ASN A 49 9.01 -33.43 0.46
CA ASN A 49 8.93 -34.87 0.42
C ASN A 49 7.85 -35.38 -0.49
N LEU A 50 6.74 -34.66 -0.54
CA LEU A 50 5.55 -35.08 -1.26
C LEU A 50 5.61 -34.73 -2.75
N ALA A 51 6.69 -34.11 -3.17
CA ALA A 51 6.84 -33.63 -4.52
C ALA A 51 6.77 -34.71 -5.60
N ASP A 52 7.04 -35.95 -5.26
CA ASP A 52 7.00 -37.06 -6.21
C ASP A 52 5.73 -37.89 -6.03
N THR A 53 4.74 -37.32 -5.35
CA THR A 53 3.43 -37.94 -5.20
C THR A 53 2.45 -37.01 -5.92
N PRO A 54 1.17 -37.41 -6.03
CA PRO A 54 0.18 -36.47 -6.62
C PRO A 54 -0.34 -35.36 -5.69
N MET A 55 0.19 -35.26 -4.46
CA MET A 55 -0.29 -34.24 -3.49
C MET A 55 -0.06 -32.84 -4.04
N VAL A 56 -1.08 -32.00 -4.01
CA VAL A 56 -0.96 -30.60 -4.45
C VAL A 56 -1.32 -29.67 -3.27
N LEU A 57 -0.35 -28.84 -2.84
CA LEU A 57 -0.56 -27.84 -1.76
C LEU A 57 -1.50 -26.69 -2.20
N LYS A 58 -2.40 -26.30 -1.34
CA LYS A 58 -3.41 -25.32 -1.61
C LYS A 58 -3.54 -24.41 -0.42
N GLY A 59 -4.46 -23.48 -0.50
CA GLY A 59 -4.82 -22.67 0.62
C GLY A 59 -3.75 -21.68 1.06
N GLU A 60 -3.84 -21.32 2.31
CA GLU A 60 -3.07 -20.26 2.88
C GLU A 60 -1.57 -20.49 2.86
N THR A 61 -1.18 -21.70 3.13
CA THR A 61 0.25 -22.05 3.15
C THR A 61 0.80 -22.24 1.72
N ALA A 62 -0.06 -22.58 0.76
CA ALA A 62 0.36 -22.47 -0.66
C ALA A 62 0.77 -21.03 -0.97
N LEU A 63 -0.04 -20.07 -0.53
CA LEU A 63 0.29 -18.66 -0.72
C LEU A 63 1.61 -18.28 -0.03
N TYR A 64 1.79 -18.77 1.20
CA TYR A 64 2.96 -18.44 1.99
C TYR A 64 4.22 -19.06 1.40
N LEU A 65 4.16 -20.34 1.03
CA LEU A 65 5.34 -21.03 0.56
C LEU A 65 5.58 -20.79 -0.91
N GLY A 66 4.52 -20.44 -1.64
CA GLY A 66 4.63 -20.40 -3.08
C GLY A 66 4.57 -19.02 -3.70
N TYR A 67 3.88 -18.08 -3.06
CA TYR A 67 3.48 -16.86 -3.75
C TYR A 67 3.77 -15.60 -2.98
N GLY A 68 4.55 -15.72 -1.90
CA GLY A 68 5.04 -14.55 -1.17
C GLY A 68 4.07 -13.91 -0.19
N LEU A 69 3.09 -14.67 0.32
CA LEU A 69 2.15 -14.12 1.31
C LEU A 69 2.88 -13.39 2.45
N ASN A 70 2.45 -12.18 2.78
CA ASN A 70 3.18 -11.40 3.82
C ASN A 70 2.56 -11.52 5.21
N ARG A 71 2.15 -12.74 5.56
CA ARG A 71 1.83 -13.10 6.95
C ARG A 71 2.27 -14.55 7.07
N PHE A 72 2.42 -15.01 8.32
CA PHE A 72 2.75 -16.41 8.57
C PHE A 72 1.50 -17.25 8.44
N SER A 73 1.68 -18.52 8.06
CA SER A 73 0.58 -19.49 7.91
C SER A 73 1.03 -20.80 8.56
N GLU A 74 0.11 -21.58 9.10
CA GLU A 74 0.49 -22.69 9.98
C GLU A 74 -0.01 -24.07 9.60
N ASP A 75 -1.06 -24.15 8.78
CA ASP A 75 -1.71 -25.41 8.40
C ASP A 75 -1.15 -25.95 7.08
N LEU A 76 -1.22 -27.26 6.87
CA LEU A 76 -0.98 -27.82 5.54
C LEU A 76 -2.27 -28.42 4.99
N ASP A 77 -2.69 -27.91 3.84
CA ASP A 77 -3.90 -28.34 3.13
C ASP A 77 -3.55 -28.80 1.72
N PHE A 78 -4.04 -29.98 1.33
CA PHE A 78 -3.68 -30.58 0.05
C PHE A 78 -4.92 -31.09 -0.69
N ASP A 79 -4.85 -31.10 -2.03
CA ASP A 79 -5.71 -31.98 -2.84
C ASP A 79 -4.88 -33.14 -3.35
N CYS A 80 -5.49 -34.31 -3.51
CA CYS A 80 -4.78 -35.49 -4.04
C CYS A 80 -5.78 -36.46 -4.68
N HIS A 81 -5.46 -36.97 -5.87
CA HIS A 81 -6.43 -37.80 -6.59
C HIS A 81 -6.57 -39.20 -6.06
N LYS A 82 -5.58 -39.68 -5.32
CA LYS A 82 -5.67 -41.03 -4.73
C LYS A 82 -4.99 -41.11 -3.37
N LYS A 83 -5.29 -42.16 -2.62
CA LYS A 83 -4.62 -42.40 -1.34
C LYS A 83 -3.14 -42.68 -1.60
N ILE A 84 -2.30 -42.24 -0.67
CA ILE A 84 -0.88 -42.61 -0.67
C ILE A 84 -0.48 -43.02 0.76
N ASN A 85 0.75 -43.45 0.94
CA ASN A 85 1.26 -43.70 2.28
C ASN A 85 1.66 -42.41 2.99
N LEU A 86 0.64 -41.62 3.36
CA LEU A 86 0.83 -40.29 3.97
C LEU A 86 1.68 -40.34 5.26
N LEU A 87 1.27 -41.19 6.20
CA LEU A 87 1.95 -41.39 7.49
C LEU A 87 3.41 -41.73 7.31
N GLY A 88 3.69 -42.70 6.44
CA GLY A 88 5.05 -43.07 6.10
C GLY A 88 5.84 -41.89 5.58
N ARG A 89 5.22 -41.06 4.74
CA ARG A 89 5.92 -39.91 4.17
C ARG A 89 6.21 -38.82 5.22
N VAL A 90 5.24 -38.54 6.09
CA VAL A 90 5.44 -37.53 7.14
C VAL A 90 6.60 -37.95 8.05
N LYS A 91 6.54 -39.19 8.54
CA LYS A 91 7.61 -39.72 9.40
C LYS A 91 9.00 -39.59 8.77
N SER A 92 9.16 -40.04 7.52
CA SER A 92 10.43 -39.86 6.79
C SER A 92 10.83 -38.41 6.65
N ALA A 93 9.84 -37.51 6.52
CA ALA A 93 10.11 -36.11 6.22
C ALA A 93 10.60 -35.25 7.39
N ILE A 94 10.38 -35.70 8.63
CA ILE A 94 10.79 -34.88 9.77
C ILE A 94 12.26 -34.50 9.58
N PRO A 95 12.56 -33.18 9.56
CA PRO A 95 13.96 -32.84 9.34
C PRO A 95 14.73 -32.73 10.67
N ASN A 96 16.06 -32.61 10.58
CA ASN A 96 16.90 -32.40 11.75
C ASN A 96 16.50 -31.15 12.53
N GLY A 97 16.48 -31.28 13.86
CA GLY A 97 16.09 -30.16 14.72
C GLY A 97 14.63 -30.24 15.14
N ILE A 98 13.89 -31.18 14.56
CA ILE A 98 12.49 -31.37 14.94
C ILE A 98 12.29 -32.70 15.64
N ILE A 99 11.50 -32.70 16.72
CA ILE A 99 11.15 -33.96 17.37
C ILE A 99 9.68 -34.32 17.09
N LEU A 100 9.45 -35.44 16.41
CA LEU A 100 8.08 -35.94 16.20
C LEU A 100 7.59 -36.68 17.43
N ASN A 101 6.62 -36.11 18.13
CA ASN A 101 6.01 -36.78 19.28
C ASN A 101 4.94 -37.76 18.84
N ASP A 102 4.05 -37.33 17.95
CA ASP A 102 2.88 -38.11 17.58
C ASP A 102 2.16 -37.63 16.30
N ILE A 103 1.45 -38.55 15.65
CA ILE A 103 0.45 -38.20 14.63
C ILE A 103 -0.92 -38.78 14.99
N HIS A 104 -1.88 -37.91 15.26
CA HIS A 104 -3.24 -38.37 15.55
C HIS A 104 -4.06 -38.31 14.29
N ILE A 105 -4.68 -39.45 13.96
CA ILE A 105 -5.55 -39.52 12.81
C ILE A 105 -6.97 -39.13 13.22
N LYS A 106 -7.31 -37.87 12.93
CA LYS A 106 -8.63 -37.36 13.22
C LYS A 106 -9.69 -37.93 12.23
N LYS A 107 -9.31 -38.06 10.95
CA LYS A 107 -10.22 -38.59 9.94
C LYS A 107 -9.47 -39.18 8.77
N ASP A 108 -9.82 -40.40 8.43
CA ASP A 108 -9.23 -41.07 7.29
C ASP A 108 -10.35 -41.81 6.61
N THR A 109 -10.89 -41.20 5.55
CA THR A 109 -12.00 -41.77 4.79
C THR A 109 -11.66 -41.74 3.29
N ASP A 110 -12.62 -42.14 2.46
CA ASP A 110 -12.43 -42.12 1.00
C ASP A 110 -12.23 -40.68 0.50
N SER A 111 -12.91 -39.73 1.12
CA SER A 111 -12.91 -38.36 0.63
C SER A 111 -11.99 -37.38 1.38
N VAL A 112 -11.60 -37.73 2.61
CA VAL A 112 -10.82 -36.79 3.44
C VAL A 112 -9.75 -37.44 4.35
N GLY A 113 -8.65 -36.71 4.52
CA GLY A 113 -7.59 -37.04 5.45
C GLY A 113 -7.42 -35.85 6.35
N ARG A 114 -7.45 -36.09 7.66
CA ARG A 114 -7.25 -35.03 8.63
C ARG A 114 -6.37 -35.56 9.77
N TYR A 115 -5.22 -34.92 9.98
CA TYR A 115 -4.20 -35.35 10.94
C TYR A 115 -3.74 -34.19 11.81
N MET A 116 -3.41 -34.53 13.07
CA MET A 116 -2.72 -33.64 14.00
C MET A 116 -1.34 -34.19 14.18
N VAL A 117 -0.35 -33.43 13.71
CA VAL A 117 1.04 -33.81 13.89
C VAL A 117 1.54 -33.02 15.10
N ARG A 118 1.95 -33.71 16.16
CA ARG A 118 2.46 -33.04 17.38
C ARG A 118 3.97 -33.18 17.39
N TYR A 119 4.66 -32.10 17.72
CA TYR A 119 6.11 -32.13 17.59
C TYR A 119 6.77 -31.17 18.57
N ALA A 120 8.06 -31.36 18.77
CA ALA A 120 8.83 -30.44 19.56
C ALA A 120 10.08 -30.09 18.76
N THR A 121 11.00 -29.38 19.41
CA THR A 121 12.10 -28.76 18.74
C THR A 121 13.40 -28.92 19.54
N LYS A 122 14.56 -28.80 18.89
CA LYS A 122 15.84 -28.81 19.60
C LYS A 122 16.04 -27.55 20.45
N ASP A 123 15.28 -26.50 20.16
CA ASP A 123 15.39 -25.21 20.86
C ASP A 123 14.33 -25.06 21.96
N ASN A 124 13.26 -25.85 21.89
CA ASN A 124 12.17 -25.74 22.85
C ASN A 124 11.35 -27.02 22.96
N LYS A 125 11.11 -27.44 24.20
CA LYS A 125 10.49 -28.73 24.47
C LYS A 125 8.97 -28.71 24.44
N GLU A 126 8.38 -27.52 24.49
CA GLU A 126 6.93 -27.41 24.54
C GLU A 126 6.31 -27.92 23.23
N GLU A 127 5.41 -28.89 23.35
CA GLU A 127 4.76 -29.53 22.20
C GLU A 127 4.04 -28.52 21.29
N GLN A 128 4.23 -28.67 19.99
CA GLN A 128 3.55 -27.82 19.02
C GLN A 128 2.61 -28.70 18.20
N THR A 129 1.70 -28.08 17.45
CA THR A 129 0.84 -28.87 16.54
C THR A 129 0.86 -28.35 15.12
N LEU A 130 0.81 -29.26 14.18
CA LEU A 130 0.63 -28.96 12.78
C LEU A 130 -0.57 -29.72 12.28
N LYS A 131 -1.57 -29.01 11.80
CA LYS A 131 -2.73 -29.62 11.18
C LYS A 131 -2.46 -29.91 9.73
N LEU A 132 -2.76 -31.11 9.32
CA LEU A 132 -2.55 -31.52 7.99
C LEU A 132 -3.84 -32.13 7.45
N GLU A 133 -4.33 -31.59 6.36
CA GLU A 133 -5.60 -31.97 5.79
C GLU A 133 -5.52 -32.24 4.30
N ILE A 134 -6.13 -33.30 3.83
CA ILE A 134 -6.10 -33.69 2.43
C ILE A 134 -7.53 -33.92 1.94
N SER A 135 -7.84 -33.43 0.73
CA SER A 135 -9.10 -33.73 0.06
C SER A 135 -8.81 -34.63 -1.12
N TYR A 136 -9.56 -35.72 -1.21
CA TYR A 136 -9.40 -36.71 -2.30
C TYR A 136 -10.42 -36.55 -3.43
N ARG A 137 -11.29 -35.55 -3.31
CA ARG A 137 -12.24 -35.18 -4.36
C ARG A 137 -11.81 -33.94 -5.18
N ASP A 138 -12.21 -33.90 -6.44
CA ASP A 138 -11.90 -32.77 -7.35
C ASP A 138 -10.43 -32.33 -7.35
N ALA A 139 -9.51 -33.30 -7.29
CA ALA A 139 -8.08 -32.98 -7.35
C ALA A 139 -7.72 -32.27 -8.67
N PRO A 140 -6.77 -31.32 -8.63
CA PRO A 140 -6.41 -30.67 -9.88
C PRO A 140 -5.81 -31.70 -10.83
N LYS A 141 -6.09 -31.56 -12.12
CA LYS A 141 -5.41 -32.35 -13.13
C LYS A 141 -3.94 -31.88 -13.21
N GLU A 142 -3.06 -32.75 -13.66
CA GLU A 142 -1.62 -32.48 -13.69
C GLU A 142 -1.25 -31.23 -14.46
N SER A 143 -2.06 -30.86 -15.45
CA SER A 143 -1.82 -29.63 -16.22
C SER A 143 -2.16 -28.36 -15.45
N GLU A 144 -2.88 -28.51 -14.33
CA GLU A 144 -3.22 -27.39 -13.44
C GLU A 144 -2.26 -27.24 -12.23
N VAL A 145 -1.16 -27.98 -12.21
CA VAL A 145 -0.26 -27.99 -11.05
C VAL A 145 1.00 -27.16 -11.32
N ASN A 146 1.27 -26.17 -10.48
CA ASN A 146 2.54 -25.46 -10.54
C ASN A 146 3.61 -26.17 -9.71
N VAL A 147 4.89 -25.97 -10.06
CA VAL A 147 6.00 -26.33 -9.17
C VAL A 147 6.81 -25.09 -8.83
N ILE A 148 6.93 -24.80 -7.54
CA ILE A 148 7.69 -23.63 -7.07
C ILE A 148 8.71 -24.13 -6.05
N GLU A 149 9.99 -23.88 -6.31
CA GLU A 149 11.09 -24.38 -5.48
C GLU A 149 10.90 -25.85 -5.06
N GLY A 150 10.59 -26.69 -6.05
CA GLY A 150 10.44 -28.12 -5.84
C GLY A 150 9.16 -28.56 -5.15
N MET A 151 8.19 -27.66 -4.99
CA MET A 151 6.94 -28.00 -4.29
C MET A 151 5.74 -27.98 -5.24
N ARG A 152 4.95 -29.04 -5.20
CA ARG A 152 3.72 -29.07 -6.02
C ARG A 152 2.63 -28.24 -5.34
N ILE A 153 2.18 -27.21 -6.05
CA ILE A 153 1.29 -26.20 -5.50
C ILE A 153 0.20 -25.81 -6.51
N ALA A 154 -0.99 -25.50 -5.99
CA ALA A 154 -2.14 -25.10 -6.81
C ALA A 154 -1.92 -23.74 -7.44
N LYS A 155 -2.56 -23.53 -8.59
CA LYS A 155 -2.58 -22.22 -9.26
C LYS A 155 -3.31 -21.18 -8.43
N ILE A 156 -2.95 -19.92 -8.61
CA ILE A 156 -3.61 -18.81 -7.94
C ILE A 156 -5.14 -18.80 -8.11
N GLU A 157 -5.59 -19.03 -9.36
CA GLU A 157 -7.02 -19.09 -9.68
C GLU A 157 -7.81 -20.04 -8.80
N ARG A 158 -7.25 -21.23 -8.53
CA ARG A 158 -7.93 -22.20 -7.70
C ARG A 158 -7.95 -21.70 -6.26
N ILE A 159 -6.84 -21.15 -5.81
CA ILE A 159 -6.75 -20.59 -4.44
C ILE A 159 -7.75 -19.45 -4.23
N ILE A 160 -7.90 -18.56 -5.21
CA ILE A 160 -8.93 -17.49 -5.15
C ILE A 160 -10.33 -18.09 -5.04
N ASP A 161 -10.61 -19.06 -5.91
CA ASP A 161 -11.91 -19.71 -5.93
C ASP A 161 -12.22 -20.31 -4.55
N ASN A 162 -11.25 -21.04 -3.99
CA ASN A 162 -11.46 -21.72 -2.70
C ASN A 162 -11.65 -20.73 -1.54
N LYS A 163 -10.94 -19.61 -1.58
CA LYS A 163 -11.08 -18.56 -0.56
C LYS A 163 -12.44 -17.93 -0.60
N LEU A 164 -12.91 -17.64 -1.81
CA LEU A 164 -14.23 -17.06 -1.96
C LEU A 164 -15.34 -18.04 -1.54
N CYS A 165 -15.16 -19.33 -1.84
CA CYS A 165 -16.11 -20.34 -1.34
C CYS A 165 -16.09 -20.32 0.18
N ALA A 166 -14.88 -20.28 0.75
CA ALA A 166 -14.68 -20.30 2.19
C ALA A 166 -15.24 -19.08 2.97
N CYS A 167 -15.20 -17.88 2.38
CA CYS A 167 -15.61 -16.70 3.16
C CYS A 167 -16.92 -16.06 2.70
N PHE A 168 -17.43 -16.49 1.54
CA PHE A 168 -18.52 -15.77 0.91
C PHE A 168 -19.66 -16.62 0.37
N ASP A 169 -19.37 -17.52 -0.57
CA ASP A 169 -20.46 -18.15 -1.32
C ASP A 169 -20.41 -19.67 -1.45
N GLY A 170 -19.67 -20.32 -0.54
CA GLY A 170 -19.59 -21.79 -0.54
C GLY A 170 -20.72 -22.42 0.25
N GLU A 171 -20.59 -23.71 0.54
CA GLU A 171 -21.64 -24.42 1.27
C GLU A 171 -21.59 -24.15 2.78
N HIS A 172 -20.39 -23.99 3.30
CA HIS A 172 -20.19 -23.63 4.69
C HIS A 172 -19.25 -22.49 4.89
N THR A 173 -19.73 -21.27 4.76
CA THR A 173 -18.87 -20.13 4.94
C THR A 173 -18.47 -19.97 6.39
N ARG A 174 -17.39 -19.23 6.60
CA ARG A 174 -16.84 -18.95 7.90
C ARG A 174 -16.51 -17.50 8.00
N THR A 175 -16.31 -17.03 9.21
CA THR A 175 -15.91 -15.66 9.38
C THR A 175 -14.54 -15.68 9.96
N LYS A 176 -13.55 -15.59 9.10
CA LYS A 176 -12.18 -15.61 9.49
C LYS A 176 -11.42 -14.48 8.83
N ALA A 177 -10.76 -13.65 9.60
CA ALA A 177 -10.13 -12.47 9.10
C ALA A 177 -9.02 -12.75 8.12
N ARG A 178 -8.40 -13.88 8.30
CA ARG A 178 -7.38 -14.38 7.39
C ARG A 178 -7.82 -14.28 5.96
N ASP A 179 -9.10 -14.56 5.70
CA ASP A 179 -9.64 -14.56 4.37
C ASP A 179 -9.65 -13.18 3.77
N LEU A 180 -9.96 -12.18 4.58
CA LEU A 180 -9.95 -10.81 4.12
C LEU A 180 -8.49 -10.43 3.85
N PHE A 181 -7.60 -10.70 4.79
CA PHE A 181 -6.19 -10.41 4.57
C PHE A 181 -5.70 -11.02 3.27
N ASP A 182 -6.02 -12.29 3.03
CA ASP A 182 -5.45 -13.01 1.90
C ASP A 182 -6.02 -12.58 0.55
N LEU A 183 -7.31 -12.26 0.52
CA LEU A 183 -7.97 -11.82 -0.69
C LEU A 183 -7.49 -10.43 -1.08
N HIS A 184 -7.28 -9.57 -0.08
CA HIS A 184 -6.63 -8.27 -0.32
C HIS A 184 -5.25 -8.44 -0.92
N PHE A 185 -4.44 -9.29 -0.30
CA PHE A 185 -3.14 -9.65 -0.86
C PHE A 185 -3.25 -10.09 -2.33
N LEU A 186 -4.19 -10.97 -2.62
CA LEU A 186 -4.36 -11.49 -3.96
C LEU A 186 -4.83 -10.40 -4.93
N ALA A 187 -5.76 -9.55 -4.49
CA ALA A 187 -6.30 -8.48 -5.33
C ALA A 187 -5.22 -7.45 -5.63
N LYS A 188 -4.28 -7.29 -4.70
CA LYS A 188 -3.23 -6.29 -4.83
C LYS A 188 -2.08 -6.78 -5.67
N HIS A 189 -1.73 -8.06 -5.55
CA HIS A 189 -0.51 -8.55 -6.16
C HIS A 189 -0.71 -9.53 -7.27
N TYR A 190 -1.94 -10.00 -7.48
CA TYR A 190 -2.18 -11.07 -8.46
C TYR A 190 -3.47 -10.85 -9.24
N GLU A 191 -3.77 -9.57 -9.48
CA GLU A 191 -5.03 -9.17 -10.10
C GLU A 191 -5.21 -9.79 -11.48
N GLU A 192 -4.10 -10.12 -12.15
CA GLU A 192 -4.16 -10.68 -13.50
C GLU A 192 -4.77 -12.10 -13.49
N HIS A 193 -4.76 -12.76 -12.33
CA HIS A 193 -5.31 -14.10 -12.22
C HIS A 193 -6.78 -14.11 -11.98
N PHE A 194 -7.37 -12.94 -11.76
CA PHE A 194 -8.81 -12.87 -11.63
C PHE A 194 -9.47 -12.92 -13.02
N ASN A 195 -10.47 -13.79 -13.17
CA ASN A 195 -11.34 -13.72 -14.33
C ASN A 195 -12.65 -13.06 -13.94
N LEU A 196 -13.57 -12.93 -14.91
CA LEU A 196 -14.85 -12.25 -14.68
C LEU A 196 -15.62 -12.83 -13.51
N ASP A 197 -15.77 -14.14 -13.48
CA ASP A 197 -16.48 -14.79 -12.37
C ASP A 197 -15.84 -14.50 -11.00
N LEU A 198 -14.53 -14.70 -10.90
CA LEU A 198 -13.80 -14.48 -9.64
C LEU A 198 -13.89 -13.02 -9.20
N ALA A 199 -13.73 -12.11 -10.15
CA ALA A 199 -13.74 -10.67 -9.86
C ALA A 199 -15.13 -10.24 -9.42
N SER A 200 -16.15 -10.75 -10.11
CA SER A 200 -17.53 -10.39 -9.80
C SER A 200 -17.90 -10.77 -8.37
N ARG A 201 -17.49 -11.98 -7.98
CA ARG A 201 -17.74 -12.48 -6.64
C ARG A 201 -16.92 -11.69 -5.60
N LEU A 202 -15.66 -11.37 -5.93
CA LEU A 202 -14.80 -10.57 -5.04
C LEU A 202 -15.43 -9.20 -4.77
N LYS A 203 -15.82 -8.53 -5.85
CA LYS A 203 -16.54 -7.26 -5.77
C LYS A 203 -17.77 -7.35 -4.85
N ASP A 204 -18.54 -8.41 -5.03
CA ASP A 204 -19.75 -8.67 -4.24
C ASP A 204 -19.44 -8.93 -2.76
N PHE A 205 -18.43 -9.74 -2.49
CA PHE A 205 -17.96 -10.00 -1.12
C PHE A 205 -17.56 -8.70 -0.43
N SER A 206 -16.95 -7.79 -1.17
CA SER A 206 -16.28 -6.62 -0.60
C SER A 206 -17.02 -5.31 -0.87
N LYS A 207 -18.31 -5.37 -1.16
CA LYS A 207 -19.05 -4.18 -1.61
C LYS A 207 -19.38 -3.23 -0.46
N ASP A 208 -19.51 -3.80 0.74
CA ASP A 208 -19.89 -3.06 1.95
C ASP A 208 -18.73 -3.12 2.98
N PRO A 209 -17.74 -2.21 2.84
CA PRO A 209 -16.52 -2.22 3.65
C PRO A 209 -16.79 -2.10 5.14
N ASP A 210 -17.75 -1.24 5.50
CA ASP A 210 -18.13 -1.08 6.91
C ASP A 210 -18.65 -2.38 7.50
N LYS A 211 -19.47 -3.11 6.75
CA LYS A 211 -19.90 -4.43 7.19
C LYS A 211 -18.72 -5.41 7.36
N LEU A 212 -17.74 -5.35 6.46
CA LEU A 212 -16.55 -6.20 6.59
C LEU A 212 -15.83 -5.94 7.91
N VAL A 213 -15.61 -4.68 8.21
CA VAL A 213 -14.95 -4.25 9.41
C VAL A 213 -15.75 -4.72 10.60
N SER A 214 -17.05 -4.58 10.56
CA SER A 214 -17.91 -5.05 11.63
C SER A 214 -17.87 -6.54 11.82
N ASP A 215 -17.93 -7.26 10.72
CA ASP A 215 -17.94 -8.70 10.74
C ASP A 215 -16.66 -9.30 11.25
N TYR A 216 -15.55 -8.66 10.94
CA TYR A 216 -14.28 -9.25 11.25
C TYR A 216 -13.57 -8.73 12.46
N LEU A 217 -14.09 -7.71 13.11
CA LEU A 217 -13.28 -7.05 14.10
C LEU A 217 -12.83 -7.90 15.24
N VAL A 218 -13.70 -8.72 15.78
CA VAL A 218 -13.33 -9.52 16.90
C VAL A 218 -12.29 -10.54 16.50
N ASP A 219 -12.48 -11.15 15.35
CA ASP A 219 -11.55 -12.13 14.88
C ASP A 219 -10.19 -11.61 14.64
N VAL A 220 -10.10 -10.41 14.09
CA VAL A 220 -8.80 -9.79 13.91
C VAL A 220 -8.09 -9.54 15.22
N LYS A 221 -8.78 -9.02 16.22
CA LYS A 221 -8.15 -8.79 17.50
C LYS A 221 -7.67 -10.06 18.15
N LEU A 222 -8.42 -11.12 18.06
CA LEU A 222 -8.04 -12.40 18.62
C LEU A 222 -7.01 -13.21 17.85
N ASP A 223 -6.71 -12.82 16.62
CA ASP A 223 -5.79 -13.56 15.81
C ASP A 223 -4.37 -13.03 15.92
N ALA A 224 -3.54 -13.87 16.50
CA ALA A 224 -2.15 -13.60 16.73
C ALA A 224 -1.40 -13.38 15.43
N LEU A 225 -1.76 -14.11 14.41
CA LEU A 225 -1.19 -13.91 13.08
C LEU A 225 -1.60 -12.61 12.40
N LEU A 226 -2.69 -11.99 12.79
CA LEU A 226 -3.11 -10.76 12.17
C LEU A 226 -3.05 -9.50 13.04
N ASN A 227 -3.22 -9.65 14.33
CA ASN A 227 -3.53 -8.53 15.21
C ASN A 227 -2.47 -7.43 15.25
N GLN A 228 -1.24 -7.82 15.03
CA GLN A 228 -0.09 -6.91 14.97
C GLN A 228 0.08 -6.25 13.61
N ILE A 229 -0.26 -6.95 12.54
CA ILE A 229 0.08 -6.48 11.18
C ILE A 229 -1.08 -5.91 10.37
N MET A 230 -2.31 -6.15 10.80
CA MET A 230 -3.45 -5.84 9.95
C MET A 230 -4.27 -4.64 10.42
N ASP A 231 -4.47 -3.68 9.51
CA ASP A 231 -5.40 -2.57 9.71
C ASP A 231 -6.69 -2.95 8.99
N LEU A 232 -7.69 -3.39 9.77
CA LEU A 232 -8.92 -3.90 9.23
C LEU A 232 -9.66 -2.88 8.36
N GLU A 233 -9.76 -1.66 8.86
CA GLU A 233 -10.51 -0.57 8.20
C GLU A 233 -9.90 -0.26 6.84
N GLU A 234 -8.57 -0.10 6.80
CA GLU A 234 -7.84 0.14 5.57
C GLU A 234 -7.92 -1.06 4.58
N THR A 235 -7.72 -2.27 5.08
CA THR A 235 -7.78 -3.49 4.25
C THR A 235 -9.15 -3.63 3.57
N ALA A 236 -10.20 -3.48 4.35
CA ALA A 236 -11.58 -3.56 3.85
C ALA A 236 -11.84 -2.52 2.76
N LEU A 237 -11.34 -1.32 2.98
CA LEU A 237 -11.57 -0.21 2.07
C LEU A 237 -10.80 -0.45 0.76
N GLU A 238 -9.52 -0.78 0.87
CA GLU A 238 -8.69 -1.06 -0.28
C GLU A 238 -9.16 -2.26 -1.10
N LEU A 239 -9.64 -3.31 -0.43
CA LEU A 239 -10.16 -4.49 -1.13
C LEU A 239 -11.36 -4.08 -1.99
N GLY A 240 -12.29 -3.34 -1.39
CA GLY A 240 -13.50 -2.89 -2.07
C GLY A 240 -13.19 -2.10 -3.33
N VAL A 241 -12.21 -1.21 -3.23
CA VAL A 241 -11.78 -0.38 -4.35
C VAL A 241 -11.05 -1.20 -5.40
N MET A 242 -10.14 -2.07 -4.98
CA MET A 242 -9.42 -2.89 -5.95
C MET A 242 -10.36 -3.81 -6.72
N ALA A 243 -11.34 -4.38 -6.03
CA ALA A 243 -12.22 -5.38 -6.63
C ALA A 243 -13.10 -4.72 -7.69
N GLN A 244 -13.63 -3.57 -7.31
CA GLN A 244 -14.43 -2.73 -8.17
C GLN A 244 -13.68 -2.48 -9.48
N LEU A 245 -12.42 -2.05 -9.38
CA LEU A 245 -11.59 -1.78 -10.55
C LEU A 245 -11.24 -3.02 -11.38
N ILE A 246 -10.88 -4.13 -10.71
CA ILE A 246 -10.55 -5.35 -11.44
C ILE A 246 -11.75 -5.80 -12.29
N HIS A 247 -12.93 -5.83 -11.68
CA HIS A 247 -14.13 -6.28 -12.36
C HIS A 247 -14.51 -5.38 -13.50
N LYS A 248 -14.41 -4.07 -13.29
CA LYS A 248 -14.73 -3.09 -14.34
C LYS A 248 -13.87 -3.33 -15.56
N LYS A 249 -12.58 -3.58 -15.34
CA LYS A 249 -11.65 -3.82 -16.43
C LYS A 249 -12.02 -5.06 -17.25
N LEU A 250 -12.35 -6.15 -16.57
CA LEU A 250 -12.71 -7.41 -17.24
C LEU A 250 -14.03 -7.31 -17.99
N GLU A 251 -14.92 -6.44 -17.52
CA GLU A 251 -16.19 -6.21 -18.17
C GLU A 251 -16.06 -5.56 -19.55
N LYS A 252 -14.91 -4.92 -19.80
CA LYS A 252 -14.62 -4.29 -21.08
C LYS A 252 -14.38 -5.33 -22.19
N LEU A 253 -14.07 -6.56 -21.78
CA LEU A 253 -13.83 -7.68 -22.70
C LEU A 253 -12.74 -7.34 -23.71
N GLU A 254 -11.61 -6.88 -23.19
CA GLU A 254 -10.45 -6.50 -24.00
C GLU A 254 -9.57 -7.71 -24.37
N HIS A 255 -8.80 -7.59 -25.45
CA HIS A 255 -7.96 -8.70 -25.93
C HIS A 255 -6.53 -8.28 -26.21
N HIS A 256 -5.60 -9.22 -26.02
CA HIS A 256 -4.18 -8.98 -26.28
C HIS A 256 -3.58 -10.10 -27.08
N LEU B 32 -14.00 22.08 4.93
CA LEU B 32 -12.88 21.74 5.86
C LEU B 32 -13.38 21.30 7.23
N SER B 33 -13.16 20.02 7.57
CA SER B 33 -13.55 19.48 8.87
C SER B 33 -12.86 20.23 10.02
N GLU B 34 -13.42 20.12 11.21
CA GLU B 34 -12.84 20.72 12.40
C GLU B 34 -11.41 20.18 12.63
N GLN B 35 -11.22 18.90 12.35
CA GLN B 35 -9.91 18.26 12.45
C GLN B 35 -8.87 18.93 11.52
N ALA B 36 -9.26 19.16 10.26
CA ALA B 36 -8.35 19.75 9.28
C ALA B 36 -8.10 21.22 9.59
N LEU B 37 -9.13 21.91 10.04
CA LEU B 37 -9.00 23.32 10.44
C LEU B 37 -7.96 23.49 11.54
N ASN B 38 -8.01 22.62 12.55
CA ASN B 38 -6.98 22.62 13.58
C ASN B 38 -5.59 22.26 13.02
N HIS B 39 -5.53 21.31 12.08
CA HIS B 39 -4.26 20.96 11.40
C HIS B 39 -3.68 22.18 10.70
N GLU B 40 -4.50 22.89 9.93
CA GLU B 40 -4.05 24.09 9.21
C GLU B 40 -3.58 25.20 10.18
N LYS B 41 -4.31 25.35 11.28
CA LYS B 41 -3.99 26.32 12.32
C LYS B 41 -2.57 26.06 12.85
N LEU B 42 -2.28 24.78 13.13
CA LEU B 42 -0.96 24.38 13.57
C LEU B 42 0.11 24.68 12.50
N MET B 43 -0.15 24.26 11.26
CA MET B 43 0.76 24.48 10.15
C MET B 43 1.07 25.98 9.98
N ARG B 44 0.03 26.81 9.93
CA ARG B 44 0.21 28.25 9.74
C ARG B 44 1.03 28.88 10.88
N ALA B 45 0.78 28.43 12.10
CA ALA B 45 1.51 28.93 13.28
C ALA B 45 3.01 28.62 13.21
N ILE B 46 3.34 27.41 12.76
CA ILE B 46 4.74 27.03 12.56
C ILE B 46 5.34 27.88 11.44
N VAL B 47 4.67 27.96 10.29
CA VAL B 47 5.18 28.71 9.15
C VAL B 47 5.42 30.19 9.53
N LYS B 48 4.47 30.77 10.23
CA LYS B 48 4.55 32.12 10.72
C LYS B 48 5.69 32.32 11.67
N ASN B 49 5.89 31.37 12.55
CA ASN B 49 6.97 31.44 13.48
C ASN B 49 8.35 31.43 12.82
N LEU B 50 8.48 30.77 11.69
CA LEU B 50 9.74 30.60 10.98
C LEU B 50 10.08 31.74 10.05
N ALA B 51 9.24 32.73 10.01
CA ALA B 51 9.33 33.80 9.05
C ALA B 51 10.62 34.59 9.21
N ASP B 52 11.15 34.62 10.41
CA ASP B 52 12.38 35.30 10.71
C ASP B 52 13.61 34.39 10.64
N THR B 53 13.47 33.25 9.98
CA THR B 53 14.57 32.31 9.79
C THR B 53 14.87 32.15 8.33
N PRO B 54 15.98 31.53 7.96
CA PRO B 54 16.20 31.27 6.53
C PRO B 54 15.32 30.13 5.93
N MET B 55 14.38 29.60 6.71
CA MET B 55 13.49 28.53 6.21
C MET B 55 12.67 29.00 4.98
N VAL B 56 12.50 28.12 4.00
CA VAL B 56 11.73 28.45 2.81
C VAL B 56 10.73 27.33 2.53
N LEU B 57 9.43 27.66 2.65
CA LEU B 57 8.35 26.70 2.45
C LEU B 57 8.31 26.24 1.00
N LYS B 58 8.17 24.94 0.76
CA LYS B 58 8.14 24.43 -0.61
C LYS B 58 7.05 23.40 -0.76
N GLY B 59 6.96 22.81 -1.95
CA GLY B 59 6.12 21.65 -2.17
C GLY B 59 4.64 21.97 -2.13
N GLU B 60 3.88 20.98 -1.66
CA GLU B 60 2.44 20.98 -1.76
C GLU B 60 1.76 21.97 -0.83
N THR B 61 2.29 22.12 0.38
CA THR B 61 1.70 23.06 1.30
C THR B 61 2.09 24.52 0.98
N ALA B 62 3.21 24.73 0.29
CA ALA B 62 3.49 26.05 -0.30
C ALA B 62 2.41 26.43 -1.33
N LEU B 63 2.11 25.49 -2.22
CA LEU B 63 1.00 25.64 -3.14
C LEU B 63 -0.30 25.96 -2.41
N TYR B 64 -0.57 25.26 -1.30
CA TYR B 64 -1.79 25.46 -0.52
C TYR B 64 -1.85 26.76 0.27
N LEU B 65 -0.76 27.12 0.93
CA LEU B 65 -0.74 28.32 1.76
C LEU B 65 -0.44 29.58 0.96
N GLY B 66 0.33 29.45 -0.12
CA GLY B 66 0.82 30.62 -0.85
C GLY B 66 0.25 30.86 -2.23
N TYR B 67 -0.24 29.81 -2.89
CA TYR B 67 -0.63 29.88 -4.30
C TYR B 67 -2.04 29.44 -4.66
N GLY B 68 -2.88 29.22 -3.64
CA GLY B 68 -4.32 28.94 -3.84
C GLY B 68 -4.70 27.53 -4.32
N LEU B 69 -3.87 26.53 -4.05
CA LEU B 69 -4.19 25.15 -4.40
C LEU B 69 -5.58 24.76 -3.95
N ASN B 70 -6.36 24.10 -4.82
CA ASN B 70 -7.74 23.79 -4.46
C ASN B 70 -7.94 22.34 -3.97
N ARG B 71 -7.01 21.87 -3.15
CA ARG B 71 -7.16 20.68 -2.35
C ARG B 71 -6.41 20.98 -1.06
N PHE B 72 -6.72 20.25 0.01
CA PHE B 72 -6.00 20.41 1.27
C PHE B 72 -4.64 19.73 1.19
N SER B 73 -3.70 20.20 1.98
CA SER B 73 -2.37 19.65 2.01
C SER B 73 -1.97 19.56 3.46
N GLU B 74 -1.29 18.48 3.81
CA GLU B 74 -1.13 18.10 5.21
C GLU B 74 0.31 18.13 5.72
N ASP B 75 1.30 18.00 4.84
CA ASP B 75 2.70 18.01 5.29
C ASP B 75 3.36 19.39 5.24
N LEU B 76 4.38 19.59 6.06
CA LEU B 76 5.25 20.76 5.94
C LEU B 76 6.62 20.38 5.43
N ASP B 77 7.03 21.04 4.35
CA ASP B 77 8.33 20.80 3.73
C ASP B 77 9.03 22.13 3.50
N PHE B 78 10.32 22.16 3.83
CA PHE B 78 11.15 23.37 3.77
C PHE B 78 12.54 23.09 3.16
N ASP B 79 13.12 24.11 2.54
CA ASP B 79 14.56 24.13 2.32
C ASP B 79 15.11 25.13 3.31
N CYS B 80 16.38 24.95 3.67
CA CYS B 80 17.09 25.89 4.56
C CYS B 80 18.61 25.73 4.39
N HIS B 81 19.35 26.83 4.31
CA HIS B 81 20.80 26.73 4.01
C HIS B 81 21.63 26.39 5.21
N LYS B 82 21.09 26.62 6.41
CA LYS B 82 21.79 26.27 7.64
C LYS B 82 20.82 25.73 8.70
N LYS B 83 21.35 25.02 9.69
CA LYS B 83 20.52 24.52 10.80
C LYS B 83 20.05 25.70 11.65
N ILE B 84 18.90 25.55 12.27
CA ILE B 84 18.42 26.52 13.25
C ILE B 84 17.89 25.75 14.45
N ASN B 85 17.41 26.46 15.46
CA ASN B 85 16.75 25.80 16.54
C ASN B 85 15.32 25.42 16.13
N LEU B 86 15.20 24.38 15.32
CA LEU B 86 13.90 23.96 14.82
C LEU B 86 12.96 23.49 15.93
N LEU B 87 13.46 22.61 16.80
CA LEU B 87 12.69 22.07 17.92
C LEU B 87 12.11 23.15 18.82
N GLY B 88 12.95 24.12 19.20
CA GLY B 88 12.51 25.29 19.97
C GLY B 88 11.45 26.09 19.25
N ARG B 89 11.66 26.34 17.96
CA ARG B 89 10.71 27.12 17.17
C ARG B 89 9.33 26.47 17.07
N VAL B 90 9.28 25.15 16.95
CA VAL B 90 8.02 24.45 16.88
C VAL B 90 7.29 24.53 18.22
N LYS B 91 7.99 24.24 19.31
CA LYS B 91 7.45 24.34 20.67
C LYS B 91 6.84 25.71 20.95
N SER B 92 7.52 26.77 20.53
CA SER B 92 7.03 28.13 20.73
C SER B 92 5.84 28.48 19.85
N ALA B 93 5.70 27.76 18.74
CA ALA B 93 4.70 28.10 17.73
C ALA B 93 3.32 27.55 18.04
N ILE B 94 3.23 26.58 18.94
CA ILE B 94 1.98 25.88 19.19
C ILE B 94 0.91 26.89 19.59
N PRO B 95 -0.20 26.94 18.83
CA PRO B 95 -1.24 27.90 19.19
C PRO B 95 -2.18 27.40 20.29
N ASN B 96 -2.89 28.34 20.91
CA ASN B 96 -3.95 28.03 21.86
C ASN B 96 -4.95 27.11 21.20
N GLY B 97 -5.43 26.13 21.96
CA GLY B 97 -6.37 25.15 21.43
C GLY B 97 -5.70 23.87 20.95
N ILE B 98 -4.37 23.92 20.86
CA ILE B 98 -3.54 22.80 20.39
C ILE B 98 -2.55 22.43 21.51
N ILE B 99 -2.38 21.15 21.77
CA ILE B 99 -1.33 20.72 22.70
C ILE B 99 -0.31 19.85 21.96
N LEU B 100 0.98 20.15 22.15
CA LEU B 100 2.05 19.35 21.58
C LEU B 100 2.33 18.19 22.52
N ASN B 101 2.12 16.96 22.06
CA ASN B 101 2.42 15.79 22.86
C ASN B 101 3.90 15.43 22.79
N ASP B 102 4.45 15.40 21.57
CA ASP B 102 5.82 14.94 21.33
C ASP B 102 6.33 15.40 19.95
N ILE B 103 7.64 15.57 19.81
CA ILE B 103 8.26 15.65 18.48
C ILE B 103 9.24 14.48 18.32
N HIS B 104 8.89 13.50 17.50
CA HIS B 104 9.78 12.39 17.25
C HIS B 104 10.75 12.77 16.15
N ILE B 105 12.05 12.63 16.44
CA ILE B 105 13.07 12.91 15.44
C ILE B 105 13.36 11.63 14.65
N LYS B 106 12.82 11.55 13.43
CA LYS B 106 13.07 10.43 12.55
C LYS B 106 14.50 10.49 12.05
N LYS B 107 14.92 11.66 11.62
CA LYS B 107 16.26 11.87 11.06
C LYS B 107 16.69 13.30 11.30
N ASP B 108 17.91 13.47 11.77
CA ASP B 108 18.52 14.79 11.94
C ASP B 108 20.00 14.63 11.58
N THR B 109 20.34 15.04 10.36
CA THR B 109 21.69 14.91 9.85
C THR B 109 22.08 16.24 9.20
N ASP B 110 23.31 16.33 8.68
CA ASP B 110 23.79 17.51 7.95
C ASP B 110 22.85 17.93 6.83
N SER B 111 22.22 16.95 6.19
CA SER B 111 21.49 17.23 4.97
C SER B 111 19.95 17.20 5.09
N VAL B 112 19.43 16.57 6.14
CA VAL B 112 17.97 16.42 6.27
C VAL B 112 17.48 16.46 7.72
N GLY B 113 16.33 17.10 7.92
CA GLY B 113 15.61 17.04 9.20
C GLY B 113 14.25 16.45 8.89
N ARG B 114 13.88 15.39 9.58
CA ARG B 114 12.60 14.74 9.35
C ARG B 114 11.96 14.46 10.70
N TYR B 115 10.80 15.06 10.95
CA TYR B 115 10.15 15.04 12.27
C TYR B 115 8.68 14.62 12.21
N MET B 116 8.21 13.97 13.26
CA MET B 116 6.78 13.70 13.45
C MET B 116 6.33 14.50 14.65
N VAL B 117 5.55 15.53 14.36
CA VAL B 117 5.02 16.44 15.37
C VAL B 117 3.67 15.82 15.79
N ARG B 118 3.64 15.23 16.98
CA ARG B 118 2.43 14.58 17.45
C ARG B 118 1.71 15.53 18.38
N TYR B 119 0.45 15.77 18.11
CA TYR B 119 -0.36 16.78 18.77
C TYR B 119 -1.80 16.37 18.97
N ALA B 120 -2.49 17.10 19.81
CA ALA B 120 -3.92 16.96 19.99
C ALA B 120 -4.55 18.33 20.12
N THR B 121 -5.86 18.38 20.16
CA THR B 121 -6.60 19.61 20.23
C THR B 121 -7.67 19.65 21.33
N LYS B 122 -8.13 20.82 21.64
CA LYS B 122 -9.14 21.04 22.61
C LYS B 122 -10.43 20.40 22.19
N ASP B 123 -10.57 20.13 20.91
CA ASP B 123 -11.80 19.58 20.33
C ASP B 123 -11.74 18.07 20.16
N ASN B 124 -10.54 17.49 20.23
CA ASN B 124 -10.36 16.08 19.98
C ASN B 124 -9.13 15.58 20.68
N LYS B 125 -9.27 14.49 21.44
CA LYS B 125 -8.18 14.01 22.28
C LYS B 125 -7.22 13.14 21.48
N GLU B 126 -7.72 12.51 20.41
CA GLU B 126 -6.95 11.58 19.61
C GLU B 126 -5.73 12.27 18.99
N GLU B 127 -4.58 11.62 19.11
CA GLU B 127 -3.32 12.17 18.69
C GLU B 127 -3.27 12.27 17.18
N GLN B 128 -2.80 13.40 16.67
CA GLN B 128 -2.60 13.59 15.23
C GLN B 128 -1.11 13.76 14.97
N THR B 129 -0.70 13.57 13.71
CA THR B 129 0.69 13.75 13.33
C THR B 129 0.78 14.83 12.26
N LEU B 130 1.77 15.71 12.43
CA LEU B 130 2.16 16.62 11.37
C LEU B 130 3.58 16.22 10.96
N LYS B 131 3.75 15.84 9.69
CA LYS B 131 5.09 15.54 9.18
C LYS B 131 5.79 16.83 8.83
N LEU B 132 6.96 17.05 9.41
CA LEU B 132 7.76 18.23 9.13
C LEU B 132 9.12 17.78 8.58
N GLU B 133 9.46 18.25 7.39
CA GLU B 133 10.70 17.86 6.76
C GLU B 133 11.48 19.06 6.20
N ILE B 134 12.80 19.03 6.38
CA ILE B 134 13.67 20.08 5.92
C ILE B 134 14.78 19.44 5.10
N SER B 135 15.14 20.08 3.98
CA SER B 135 16.34 19.74 3.23
C SER B 135 17.39 20.84 3.39
N TYR B 136 18.62 20.46 3.72
CA TYR B 136 19.67 21.46 3.91
C TYR B 136 20.62 21.49 2.70
N ARG B 137 20.32 20.70 1.67
CA ARG B 137 21.08 20.70 0.41
C ARG B 137 20.41 21.58 -0.64
N ASP B 138 21.19 22.31 -1.41
CA ASP B 138 20.68 23.11 -2.56
C ASP B 138 19.55 24.07 -2.19
N ALA B 139 19.71 24.79 -1.09
CA ALA B 139 18.72 25.80 -0.68
C ALA B 139 18.64 26.89 -1.75
N PRO B 140 17.45 27.50 -1.95
CA PRO B 140 17.43 28.57 -2.96
C PRO B 140 18.26 29.77 -2.48
N LYS B 141 18.90 30.47 -3.41
CA LYS B 141 19.58 31.72 -3.08
C LYS B 141 18.53 32.71 -2.60
N GLU B 142 18.93 33.68 -1.77
CA GLU B 142 17.96 34.65 -1.27
C GLU B 142 17.20 35.33 -2.40
N SER B 143 17.90 35.65 -3.49
CA SER B 143 17.29 36.29 -4.67
C SER B 143 16.18 35.44 -5.29
N GLU B 144 16.16 34.15 -4.97
CA GLU B 144 15.15 33.26 -5.48
C GLU B 144 14.02 32.98 -4.50
N VAL B 145 14.04 33.62 -3.34
CA VAL B 145 12.99 33.38 -2.35
C VAL B 145 11.87 34.38 -2.55
N ASN B 146 10.65 33.89 -2.80
CA ASN B 146 9.45 34.73 -2.75
C ASN B 146 9.00 34.99 -1.32
N VAL B 147 8.35 36.13 -1.10
CA VAL B 147 7.56 36.34 0.12
C VAL B 147 6.08 36.54 -0.28
N ILE B 148 5.20 35.73 0.30
CA ILE B 148 3.75 35.83 0.08
C ILE B 148 3.07 35.90 1.44
N GLU B 149 2.35 37.00 1.67
CA GLU B 149 1.74 37.34 2.97
C GLU B 149 2.69 37.06 4.11
N GLY B 150 3.90 37.59 4.04
CA GLY B 150 4.86 37.41 5.13
C GLY B 150 5.51 36.02 5.24
N MET B 151 5.22 35.12 4.31
CA MET B 151 5.81 33.76 4.32
C MET B 151 6.89 33.63 3.27
N ARG B 152 8.07 33.20 3.69
CA ARG B 152 9.14 32.85 2.76
C ARG B 152 8.76 31.55 2.07
N ILE B 153 8.81 31.57 0.76
CA ILE B 153 8.19 30.49 0.01
C ILE B 153 8.91 30.29 -1.31
N ALA B 154 8.99 29.05 -1.78
CA ALA B 154 9.68 28.76 -3.04
C ALA B 154 8.87 29.33 -4.20
N LYS B 155 9.59 29.74 -5.25
CA LYS B 155 9.01 30.19 -6.50
C LYS B 155 8.27 29.05 -7.18
N ILE B 156 7.25 29.41 -7.95
CA ILE B 156 6.51 28.45 -8.76
C ILE B 156 7.40 27.58 -9.65
N GLU B 157 8.41 28.19 -10.28
CA GLU B 157 9.32 27.47 -11.21
C GLU B 157 9.99 26.32 -10.51
N ARG B 158 10.44 26.56 -9.28
CA ARG B 158 11.06 25.55 -8.44
C ARG B 158 10.06 24.46 -8.03
N ILE B 159 8.87 24.86 -7.58
CA ILE B 159 7.79 23.90 -7.25
C ILE B 159 7.45 22.96 -8.44
N ILE B 160 7.31 23.53 -9.63
CA ILE B 160 7.08 22.75 -10.87
C ILE B 160 8.24 21.78 -11.12
N ASP B 161 9.46 22.30 -11.06
CA ASP B 161 10.62 21.47 -11.34
C ASP B 161 10.67 20.30 -10.35
N ASN B 162 10.48 20.59 -9.07
CA ASN B 162 10.48 19.54 -8.05
C ASN B 162 9.39 18.50 -8.25
N LYS B 163 8.22 18.95 -8.74
CA LYS B 163 7.12 18.02 -9.04
C LYS B 163 7.46 17.10 -10.19
N LEU B 164 7.98 17.67 -11.27
CA LEU B 164 8.35 16.85 -12.41
C LEU B 164 9.42 15.82 -12.03
N CYS B 165 10.38 16.20 -11.19
CA CYS B 165 11.41 15.27 -10.74
C CYS B 165 10.79 14.13 -9.97
N ALA B 166 9.84 14.47 -9.10
CA ALA B 166 9.21 13.50 -8.22
C ALA B 166 8.33 12.48 -8.99
N CYS B 167 7.72 12.91 -10.09
CA CYS B 167 6.75 12.03 -10.72
C CYS B 167 7.18 11.48 -12.07
N PHE B 168 8.24 12.04 -12.65
CA PHE B 168 8.54 11.71 -14.02
C PHE B 168 10.02 11.44 -14.29
N ASP B 169 10.89 12.41 -14.03
CA ASP B 169 12.27 12.34 -14.51
C ASP B 169 13.36 12.61 -13.48
N GLY B 170 13.06 12.44 -12.21
CA GLY B 170 14.06 12.56 -11.16
C GLY B 170 14.71 11.21 -10.92
N GLU B 171 15.61 11.16 -9.93
CA GLU B 171 16.28 9.91 -9.60
C GLU B 171 15.38 8.94 -8.85
N HIS B 172 14.43 9.46 -8.10
CA HIS B 172 13.63 8.59 -7.29
C HIS B 172 12.17 8.80 -7.46
N THR B 173 11.66 8.43 -8.62
CA THR B 173 10.29 8.74 -8.91
C THR B 173 9.29 7.91 -8.15
N ARG B 174 8.09 8.46 -8.00
CA ARG B 174 6.98 7.90 -7.25
C ARG B 174 5.71 8.02 -8.05
N THR B 175 4.72 7.25 -7.68
CA THR B 175 3.43 7.29 -8.28
C THR B 175 2.41 7.75 -7.25
N LYS B 176 2.11 9.03 -7.28
CA LYS B 176 1.13 9.62 -6.35
C LYS B 176 0.22 10.54 -7.14
N ALA B 177 -1.08 10.29 -7.05
CA ALA B 177 -2.03 11.02 -7.87
C ALA B 177 -1.97 12.53 -7.57
N ARG B 178 -1.56 12.87 -6.35
CA ARG B 178 -1.30 14.25 -5.95
C ARG B 178 -0.45 14.99 -6.96
N ASP B 179 0.56 14.34 -7.48
CA ASP B 179 1.41 14.93 -8.48
C ASP B 179 0.69 15.30 -9.77
N LEU B 180 -0.20 14.46 -10.23
CA LEU B 180 -1.03 14.79 -11.37
C LEU B 180 -1.99 15.94 -11.12
N PHE B 181 -2.63 15.95 -9.97
CA PHE B 181 -3.50 17.04 -9.60
C PHE B 181 -2.72 18.32 -9.51
N ASP B 182 -1.58 18.29 -8.88
CA ASP B 182 -0.81 19.49 -8.70
C ASP B 182 -0.24 20.10 -9.98
N LEU B 183 0.29 19.28 -10.85
CA LEU B 183 0.77 19.71 -12.14
C LEU B 183 -0.34 20.24 -13.05
N HIS B 184 -1.49 19.61 -13.02
CA HIS B 184 -2.67 20.11 -13.73
C HIS B 184 -3.05 21.46 -13.18
N PHE B 185 -3.11 21.58 -11.84
CA PHE B 185 -3.35 22.88 -11.20
C PHE B 185 -2.37 23.96 -11.71
N LEU B 186 -1.08 23.63 -11.72
CA LEU B 186 -0.03 24.56 -12.16
C LEU B 186 -0.14 24.92 -13.65
N ALA B 187 -0.39 23.93 -14.51
CA ALA B 187 -0.55 24.21 -15.93
C ALA B 187 -1.76 25.11 -16.25
N LYS B 188 -2.86 24.87 -15.54
CA LYS B 188 -4.08 25.65 -15.71
C LYS B 188 -4.00 27.06 -15.18
N HIS B 189 -3.34 27.27 -14.04
CA HIS B 189 -3.41 28.55 -13.36
C HIS B 189 -2.13 29.31 -13.29
N TYR B 190 -1.00 28.68 -13.60
CA TYR B 190 0.31 29.31 -13.49
C TYR B 190 1.16 29.04 -14.72
N GLU B 191 0.53 29.04 -15.90
CA GLU B 191 1.23 28.63 -17.11
C GLU B 191 2.39 29.56 -17.47
N GLU B 192 2.25 30.84 -17.14
CA GLU B 192 3.26 31.83 -17.48
C GLU B 192 4.59 31.54 -16.79
N HIS B 193 4.59 30.60 -15.85
CA HIS B 193 5.78 30.21 -15.11
C HIS B 193 6.52 29.04 -15.73
N PHE B 194 5.98 28.52 -16.82
CA PHE B 194 6.66 27.47 -17.54
C PHE B 194 7.57 28.11 -18.59
N ASN B 195 8.83 27.72 -18.58
CA ASN B 195 9.75 28.04 -19.67
C ASN B 195 9.78 26.85 -20.65
N LEU B 196 10.63 26.95 -21.66
CA LEU B 196 10.77 25.92 -22.69
C LEU B 196 11.06 24.53 -22.11
N ASP B 197 12.05 24.43 -21.23
CA ASP B 197 12.38 23.16 -20.60
C ASP B 197 11.32 22.58 -19.71
N LEU B 198 10.73 23.37 -18.83
CA LEU B 198 9.70 22.86 -17.96
C LEU B 198 8.48 22.41 -18.78
N ALA B 199 8.13 23.17 -19.79
CA ALA B 199 7.03 22.82 -20.65
C ALA B 199 7.28 21.54 -21.39
N SER B 200 8.50 21.39 -21.85
CA SER B 200 8.91 20.26 -22.68
C SER B 200 8.77 19.02 -21.85
N ARG B 201 9.25 19.08 -20.61
CA ARG B 201 9.13 17.96 -19.68
C ARG B 201 7.66 17.68 -19.29
N LEU B 202 6.86 18.73 -19.10
CA LEU B 202 5.42 18.56 -18.77
C LEU B 202 4.71 17.83 -19.92
N LYS B 203 4.97 18.28 -21.14
CA LYS B 203 4.48 17.64 -22.37
C LYS B 203 4.85 16.16 -22.42
N ASP B 204 6.11 15.87 -22.18
CA ASP B 204 6.61 14.49 -22.15
C ASP B 204 5.92 13.65 -21.07
N PHE B 205 5.77 14.20 -19.88
CA PHE B 205 5.07 13.50 -18.79
C PHE B 205 3.63 13.11 -19.17
N SER B 206 2.95 14.00 -19.91
CA SER B 206 1.52 13.86 -20.19
C SER B 206 1.14 13.45 -21.63
N LYS B 207 2.13 13.06 -22.43
CA LYS B 207 1.90 12.77 -23.85
C LYS B 207 0.88 11.67 -24.07
N ASP B 208 0.84 10.73 -23.13
CA ASP B 208 -0.02 9.57 -23.21
C ASP B 208 -1.04 9.58 -22.05
N PRO B 209 -2.19 10.25 -22.27
CA PRO B 209 -3.13 10.40 -21.14
C PRO B 209 -3.65 9.06 -20.57
N ASP B 210 -3.90 8.09 -21.44
CA ASP B 210 -4.34 6.76 -21.00
C ASP B 210 -3.34 6.09 -20.08
N LYS B 211 -2.05 6.34 -20.32
CA LYS B 211 -1.03 5.79 -19.43
C LYS B 211 -1.13 6.43 -18.04
N LEU B 212 -1.33 7.75 -18.01
CA LEU B 212 -1.51 8.44 -16.74
C LEU B 212 -2.71 7.89 -15.96
N VAL B 213 -3.85 7.73 -16.65
CA VAL B 213 -5.07 7.20 -16.05
C VAL B 213 -4.79 5.82 -15.45
N SER B 214 -4.13 4.99 -16.24
CA SER B 214 -3.77 3.65 -15.82
C SER B 214 -2.81 3.67 -14.61
N ASP B 215 -1.79 4.50 -14.65
CA ASP B 215 -0.81 4.61 -13.59
C ASP B 215 -1.43 5.09 -12.29
N TYR B 216 -2.34 6.01 -12.35
CA TYR B 216 -2.86 6.62 -11.16
C TYR B 216 -4.17 6.10 -10.65
N LEU B 217 -4.74 5.14 -11.34
CA LEU B 217 -6.10 4.80 -11.09
C LEU B 217 -6.39 4.32 -9.68
N VAL B 218 -5.58 3.44 -9.14
CA VAL B 218 -5.81 3.00 -7.80
C VAL B 218 -5.57 4.09 -6.77
N ASP B 219 -4.51 4.84 -6.94
CA ASP B 219 -4.09 5.80 -5.96
C ASP B 219 -5.12 6.87 -5.78
N VAL B 220 -5.77 7.29 -6.85
CA VAL B 220 -6.77 8.33 -6.75
C VAL B 220 -7.95 7.87 -5.91
N LYS B 221 -8.38 6.64 -6.10
CA LYS B 221 -9.48 6.11 -5.34
C LYS B 221 -9.17 6.02 -3.87
N LEU B 222 -7.95 5.64 -3.58
CA LEU B 222 -7.42 5.56 -2.25
C LEU B 222 -7.13 6.87 -1.48
N ASP B 223 -6.90 7.98 -2.17
CA ASP B 223 -6.48 9.23 -1.55
C ASP B 223 -7.64 10.11 -1.10
N ALA B 224 -7.77 10.28 0.21
CA ALA B 224 -8.85 11.04 0.81
C ALA B 224 -8.85 12.51 0.42
N LEU B 225 -7.67 13.06 0.26
CA LEU B 225 -7.50 14.41 -0.22
C LEU B 225 -7.97 14.60 -1.65
N LEU B 226 -7.96 13.54 -2.44
CA LEU B 226 -8.29 13.59 -3.83
C LEU B 226 -9.61 12.98 -4.24
N ASN B 227 -10.02 11.93 -3.56
CA ASN B 227 -11.06 11.07 -4.08
C ASN B 227 -12.46 11.60 -4.29
N GLN B 228 -12.86 12.63 -3.57
CA GLN B 228 -14.15 13.24 -3.88
C GLN B 228 -14.11 14.42 -4.84
N ILE B 229 -12.94 14.88 -5.22
CA ILE B 229 -12.83 16.08 -6.00
C ILE B 229 -12.16 15.89 -7.35
N MET B 230 -11.47 14.79 -7.56
CA MET B 230 -10.65 14.63 -8.73
C MET B 230 -11.25 13.74 -9.81
N ASP B 231 -11.45 14.30 -10.99
CA ASP B 231 -11.83 13.50 -12.13
C ASP B 231 -10.55 13.10 -12.90
N LEU B 232 -10.12 11.85 -12.69
CA LEU B 232 -8.83 11.38 -13.21
C LEU B 232 -8.71 11.45 -14.74
N GLU B 233 -9.69 10.91 -15.43
CA GLU B 233 -9.70 10.84 -16.90
C GLU B 233 -9.63 12.25 -17.52
N GLU B 234 -10.47 13.15 -17.03
CA GLU B 234 -10.49 14.52 -17.52
C GLU B 234 -9.18 15.27 -17.18
N THR B 235 -8.70 15.11 -15.94
CA THR B 235 -7.42 15.69 -15.53
C THR B 235 -6.28 15.28 -16.45
N ALA B 236 -6.15 13.99 -16.73
CA ALA B 236 -5.04 13.50 -17.57
C ALA B 236 -5.14 14.07 -18.98
N LEU B 237 -6.36 14.09 -19.54
CA LEU B 237 -6.60 14.56 -20.89
C LEU B 237 -6.39 16.07 -20.98
N GLU B 238 -6.92 16.83 -20.02
CA GLU B 238 -6.68 18.27 -19.98
C GLU B 238 -5.20 18.60 -19.86
N LEU B 239 -4.48 17.89 -19.00
CA LEU B 239 -3.06 18.17 -18.81
C LEU B 239 -2.30 17.97 -20.12
N GLY B 240 -2.54 16.85 -20.80
CA GLY B 240 -1.88 16.54 -22.07
C GLY B 240 -2.04 17.67 -23.09
N VAL B 241 -3.26 18.19 -23.21
CA VAL B 241 -3.58 19.22 -24.17
C VAL B 241 -3.04 20.58 -23.73
N MET B 242 -3.09 20.86 -22.41
CA MET B 242 -2.54 22.11 -21.87
C MET B 242 -1.03 22.18 -22.09
N ALA B 243 -0.35 21.07 -21.82
CA ALA B 243 1.10 21.01 -21.87
C ALA B 243 1.56 21.25 -23.31
N GLN B 244 0.85 20.66 -24.27
CA GLN B 244 1.13 20.85 -25.70
C GLN B 244 1.01 22.31 -26.10
N LEU B 245 -0.09 22.92 -25.67
CA LEU B 245 -0.43 24.29 -25.99
C LEU B 245 0.58 25.27 -25.39
N ILE B 246 0.95 25.02 -24.14
CA ILE B 246 1.95 25.84 -23.47
C ILE B 246 3.30 25.74 -24.20
N HIS B 247 3.71 24.52 -24.53
CA HIS B 247 4.98 24.32 -25.22
C HIS B 247 4.99 24.97 -26.59
N LYS B 248 3.88 24.83 -27.31
CA LYS B 248 3.70 25.42 -28.64
C LYS B 248 3.91 26.93 -28.58
N LYS B 249 3.27 27.60 -27.63
CA LYS B 249 3.39 29.05 -27.43
C LYS B 249 4.81 29.52 -27.12
N LEU B 250 5.53 28.77 -26.27
CA LEU B 250 6.93 29.04 -25.99
C LEU B 250 7.85 28.84 -27.22
N GLU B 251 7.62 27.78 -28.00
CA GLU B 251 8.36 27.61 -29.24
C GLU B 251 8.16 28.80 -30.20
N LYS B 252 6.90 29.19 -30.43
CA LYS B 252 6.61 30.31 -31.30
C LYS B 252 7.31 31.60 -30.86
N LEU B 253 7.37 31.80 -29.54
CA LEU B 253 7.97 32.99 -28.96
C LEU B 253 9.47 33.17 -29.32
N GLU B 254 10.18 32.06 -29.54
CA GLU B 254 11.60 32.09 -29.89
C GLU B 254 11.88 32.79 -31.23
N HIS B 255 10.97 32.63 -32.18
CA HIS B 255 11.18 33.19 -33.51
C HIS B 255 10.24 34.32 -33.87
N HIS B 256 9.37 34.72 -32.94
CA HIS B 256 8.44 35.83 -33.20
C HIS B 256 8.87 37.06 -32.46
N HIS B 257 9.39 38.04 -33.20
CA HIS B 257 9.95 39.26 -32.59
C HIS B 257 9.10 40.48 -32.85
N HIS B 258 8.40 40.48 -33.98
CA HIS B 258 7.66 41.65 -34.46
C HIS B 258 6.18 41.38 -34.53
#